data_3BJR
#
_entry.id   3BJR
#
_cell.length_a   93.620
_cell.length_b   93.620
_cell.length_c   99.570
_cell.angle_alpha   90.000
_cell.angle_beta   90.000
_cell.angle_gamma   120.000
#
_symmetry.space_group_name_H-M   'P 32 2 1'
#
loop_
_entity.id
_entity.type
_entity.pdbx_description
1 polymer 'Putative carboxylesterase'
2 non-polymer GLYCEROL
3 water water
#
_entity_poly.entity_id   1
_entity_poly.type   'polypeptide(L)'
_entity_poly.pdbx_seq_one_letter_code
;(MSE)GSDKIHHHHHHENLYFQG(MSE)QVIKQKLTATCAQLTGYLHQPDTNAHQTNLPAIIIVPGGSYTHIPVAQAESL
A(MSE)AFAGHGYQAFYLEYTLLTDQQPLGLAPVLDLGRAVNLLRQHAAEWHIDPQQITPAGFSVGGHIVALYNDYWATR
VATELNVTPA(MSE)LKPNNVVLGYPVISPLLGFPKDDATLATWTPTPNELAADQHVNSDNQPTFIWTTADDPIVPATNT
LAYATALATAKIPYELHVFKHGPHGLALANAQTAWKPDANQPHVAHWLTLALEWLADNR
;
_entity_poly.pdbx_strand_id   A
#
# COMPACT_ATOMS: atom_id res chain seq x y z
N PHE A 17 -3.02 19.94 0.13
CA PHE A 17 -2.86 20.40 1.54
C PHE A 17 -4.07 21.24 2.00
N GLN A 18 -5.28 20.76 1.66
CA GLN A 18 -6.59 21.47 1.84
C GLN A 18 -7.18 21.61 3.28
N GLY A 19 -6.82 22.71 3.99
CA GLY A 19 -7.30 22.98 5.37
C GLY A 19 -6.91 21.96 6.45
N GLN A 21 -3.48 19.90 8.52
CA GLN A 21 -2.09 20.01 8.91
C GLN A 21 -1.31 19.07 8.02
N VAL A 22 -0.34 19.62 7.31
CA VAL A 22 0.54 18.81 6.46
C VAL A 22 1.75 18.53 7.31
N ILE A 23 2.19 17.29 7.38
CA ILE A 23 3.40 16.99 8.12
C ILE A 23 4.34 16.20 7.20
N LYS A 24 5.62 16.39 7.42
CA LYS A 24 6.64 15.71 6.65
C LYS A 24 7.63 15.13 7.62
N GLN A 25 7.99 13.88 7.41
CA GLN A 25 8.82 13.15 8.33
C GLN A 25 9.71 12.18 7.55
N LYS A 26 11.03 12.31 7.67
CA LYS A 26 11.96 11.35 7.08
C LYS A 26 11.96 10.15 8.00
N LEU A 27 11.97 8.94 7.45
CA LEU A 27 11.92 7.75 8.25
C LEU A 27 13.35 7.40 8.62
N THR A 28 13.51 6.70 9.72
CA THR A 28 14.82 6.36 10.22
C THR A 28 15.44 5.23 9.43
N ALA A 29 16.76 5.33 9.23
CA ALA A 29 17.59 4.34 8.53
C ALA A 29 17.14 4.08 7.09
N THR A 30 16.63 5.12 6.44
CA THR A 30 16.16 5.03 5.09
C THR A 30 16.06 6.43 4.48
N CYS A 31 16.05 6.49 3.16
N CYS A 31 16.06 6.44 3.14
CA CYS A 31 15.87 7.77 2.49
CA CYS A 31 15.89 7.65 2.36
C CYS A 31 14.37 8.01 2.33
C CYS A 31 14.39 7.93 2.17
N ALA A 32 13.57 6.99 2.60
CA ALA A 32 12.13 7.11 2.49
C ALA A 32 11.60 8.24 3.38
N GLN A 33 10.55 8.87 2.90
N GLN A 33 10.56 8.92 2.89
CA GLN A 33 9.92 9.94 3.60
CA GLN A 33 10.00 10.16 3.47
C GLN A 33 8.43 9.71 3.61
C GLN A 33 8.46 10.13 3.44
N LEU A 34 7.82 10.33 4.61
CA LEU A 34 6.38 10.27 4.76
C LEU A 34 5.78 11.67 4.81
N THR A 35 4.67 11.85 4.11
CA THR A 35 3.92 13.09 4.12
C THR A 35 2.56 12.75 4.69
N GLY A 36 2.04 13.59 5.59
CA GLY A 36 0.75 13.33 6.20
C GLY A 36 -0.18 14.51 6.15
N TYR A 37 -1.46 14.22 6.05
CA TYR A 37 -2.53 15.21 6.01
C TYR A 37 -3.46 14.84 7.17
N LEU A 38 -3.48 15.71 8.18
CA LEU A 38 -4.19 15.43 9.42
C LEU A 38 -5.33 16.39 9.66
N HIS A 39 -6.51 15.89 10.01
CA HIS A 39 -7.66 16.76 10.32
C HIS A 39 -7.48 17.52 11.65
N THR A 48 -12.14 11.91 19.82
CA THR A 48 -11.97 10.59 19.20
C THR A 48 -10.85 10.48 18.11
N ASN A 49 -10.62 9.24 17.69
CA ASN A 49 -9.53 8.86 16.83
C ASN A 49 -10.06 8.43 15.48
N LEU A 50 -9.29 8.69 14.43
CA LEU A 50 -9.69 8.39 13.05
C LEU A 50 -8.90 7.28 12.40
N PRO A 51 -9.50 6.60 11.42
CA PRO A 51 -8.72 5.62 10.65
C PRO A 51 -7.67 6.36 9.85
N ALA A 52 -6.62 5.68 9.45
CA ALA A 52 -5.54 6.31 8.73
C ALA A 52 -5.20 5.47 7.49
N ILE A 53 -4.95 6.16 6.38
CA ILE A 53 -4.54 5.53 5.13
C ILE A 53 -3.09 5.91 4.84
N ILE A 54 -2.28 4.96 4.37
CA ILE A 54 -0.91 5.26 3.90
C ILE A 54 -0.89 4.87 2.41
N ILE A 55 -0.86 5.87 1.55
CA ILE A 55 -0.82 5.69 0.10
C ILE A 55 0.59 5.27 -0.31
N VAL A 56 0.73 4.11 -0.96
CA VAL A 56 2.02 3.64 -1.49
C VAL A 56 1.87 3.80 -3.02
N PRO A 57 2.43 4.88 -3.57
CA PRO A 57 2.17 5.18 -4.97
C PRO A 57 2.98 4.34 -5.97
N GLY A 58 2.76 4.64 -7.26
CA GLY A 58 3.45 3.99 -8.34
C GLY A 58 4.72 4.71 -8.62
N GLY A 59 5.19 4.61 -9.86
CA GLY A 59 6.41 5.27 -10.27
C GLY A 59 7.51 4.40 -10.82
N SER A 60 7.23 3.09 -10.99
CA SER A 60 8.18 2.12 -11.60
C SER A 60 9.51 2.01 -10.87
N TYR A 61 9.55 2.49 -9.63
CA TYR A 61 10.76 2.51 -8.78
C TYR A 61 11.78 3.48 -9.32
N THR A 62 11.39 4.38 -10.23
CA THR A 62 12.33 5.39 -10.78
C THR A 62 12.12 6.79 -10.19
N HIS A 63 10.90 7.05 -9.70
CA HIS A 63 10.51 8.34 -9.17
C HIS A 63 9.24 8.09 -8.37
N ILE A 64 8.83 9.06 -7.56
CA ILE A 64 7.51 8.99 -6.90
C ILE A 64 6.68 10.11 -7.56
N PRO A 65 5.50 9.76 -8.15
CA PRO A 65 4.60 10.76 -8.71
C PRO A 65 3.85 11.42 -7.57
N VAL A 66 4.40 12.54 -7.12
CA VAL A 66 3.89 13.21 -5.94
C VAL A 66 2.47 13.70 -6.09
N ALA A 67 2.13 14.23 -7.26
CA ALA A 67 0.77 14.71 -7.53
C ALA A 67 -0.23 13.57 -7.47
N GLN A 68 0.13 12.39 -7.98
CA GLN A 68 -0.73 11.23 -7.89
C GLN A 68 -0.93 10.84 -6.40
N ALA A 69 0.16 10.80 -5.65
CA ALA A 69 0.19 10.44 -4.24
C ALA A 69 -0.69 11.35 -3.40
N GLU A 70 -0.50 12.64 -3.55
CA GLU A 70 -1.29 13.63 -2.84
C GLU A 70 -2.78 13.55 -3.14
N SER A 71 -3.13 13.43 -4.41
CA SER A 71 -4.52 13.39 -4.83
C SER A 71 -5.23 12.18 -4.25
N LEU A 72 -4.57 11.04 -4.31
CA LEU A 72 -5.11 9.80 -3.74
C LEU A 72 -5.18 9.88 -2.20
N ALA A 73 -4.24 10.59 -1.55
CA ALA A 73 -4.30 10.79 -0.10
C ALA A 73 -5.56 11.64 0.19
N ALA A 75 -8.33 11.87 -1.58
CA ALA A 75 -9.53 11.11 -1.85
C ALA A 75 -10.06 10.47 -0.53
N PHE A 76 -9.14 10.02 0.30
CA PHE A 76 -9.47 9.40 1.56
C PHE A 76 -9.63 10.42 2.69
N ALA A 77 -8.76 11.42 2.71
CA ALA A 77 -8.78 12.49 3.70
C ALA A 77 -10.16 13.11 3.76
N GLY A 78 -10.74 13.30 2.59
CA GLY A 78 -12.06 13.88 2.43
C GLY A 78 -13.20 13.03 2.94
N HIS A 79 -12.93 11.76 3.23
CA HIS A 79 -13.95 10.85 3.75
C HIS A 79 -13.60 10.33 5.16
N GLY A 80 -13.01 11.20 5.98
CA GLY A 80 -12.73 10.89 7.38
C GLY A 80 -11.50 10.10 7.76
N TYR A 81 -10.47 10.17 6.94
CA TYR A 81 -9.24 9.47 7.21
C TYR A 81 -8.14 10.45 7.44
N GLN A 82 -7.20 10.10 8.30
CA GLN A 82 -5.93 10.81 8.36
C GLN A 82 -5.23 10.17 7.17
N ALA A 83 -4.63 10.94 6.27
CA ALA A 83 -4.06 10.32 5.05
C ALA A 83 -2.60 10.63 4.89
N PHE A 84 -1.79 9.61 4.59
CA PHE A 84 -0.36 9.80 4.38
C PHE A 84 0.06 9.26 3.02
N TYR A 85 1.19 9.73 2.52
CA TYR A 85 1.80 9.09 1.35
C TYR A 85 3.25 8.81 1.62
N LEU A 86 3.70 7.66 1.11
CA LEU A 86 5.08 7.21 1.29
C LEU A 86 5.92 7.38 0.04
N GLU A 87 6.97 8.19 0.13
CA GLU A 87 7.99 8.27 -0.88
C GLU A 87 9.04 7.21 -0.47
N TYR A 88 8.92 6.03 -1.04
CA TYR A 88 9.81 4.92 -0.75
C TYR A 88 11.12 4.92 -1.53
N THR A 89 12.03 4.04 -1.14
CA THR A 89 13.34 3.89 -1.78
C THR A 89 13.20 3.56 -3.26
N LEU A 90 14.00 4.26 -4.07
CA LEU A 90 13.96 4.10 -5.51
C LEU A 90 15.24 3.44 -5.99
N LEU A 91 15.27 3.06 -7.26
CA LEU A 91 16.45 2.43 -7.88
C LEU A 91 17.66 3.34 -7.83
N THR A 92 17.42 4.64 -7.92
CA THR A 92 18.51 5.63 -7.79
C THR A 92 19.08 5.74 -6.39
N ASP A 93 18.31 5.37 -5.37
CA ASP A 93 18.78 5.37 -3.98
C ASP A 93 19.57 4.12 -3.66
N GLN A 94 19.14 3.00 -4.23
CA GLN A 94 19.75 1.73 -3.92
C GLN A 94 19.52 0.71 -5.01
N GLN A 95 20.61 0.06 -5.39
CA GLN A 95 20.51 -1.01 -6.37
C GLN A 95 21.43 -2.19 -5.97
N PRO A 96 20.86 -3.42 -5.92
CA PRO A 96 19.46 -3.76 -6.24
C PRO A 96 18.51 -3.17 -5.18
N LEU A 97 17.30 -2.85 -5.60
CA LEU A 97 16.34 -2.24 -4.71
C LEU A 97 16.10 -3.15 -3.51
N GLY A 98 16.06 -4.45 -3.78
CA GLY A 98 15.82 -5.45 -2.77
C GLY A 98 14.37 -5.35 -2.39
N LEU A 99 14.11 -5.50 -1.08
CA LEU A 99 12.78 -5.30 -0.50
C LEU A 99 12.73 -3.99 0.30
N ALA A 100 13.61 -3.03 0.00
CA ALA A 100 13.67 -1.77 0.72
C ALA A 100 12.33 -1.04 0.81
N PRO A 101 11.54 -0.98 -0.26
CA PRO A 101 10.22 -0.33 -0.17
C PRO A 101 9.20 -0.99 0.74
N VAL A 102 9.28 -2.31 0.91
CA VAL A 102 8.39 -3.05 1.77
C VAL A 102 8.76 -2.75 3.23
N LEU A 103 10.07 -2.70 3.50
CA LEU A 103 10.60 -2.35 4.79
C LEU A 103 10.23 -0.89 5.11
N ASP A 104 10.40 0.00 4.14
CA ASP A 104 10.01 1.43 4.29
C ASP A 104 8.54 1.56 4.73
N LEU A 105 7.66 0.75 4.14
CA LEU A 105 6.22 0.76 4.49
C LEU A 105 6.05 0.33 5.97
N GLY A 106 6.84 -0.66 6.40
CA GLY A 106 6.84 -1.09 7.80
C GLY A 106 7.26 0.04 8.74
N ARG A 107 8.29 0.77 8.34
N ARG A 107 8.31 0.77 8.35
CA ARG A 107 8.79 1.89 9.14
CA ARG A 107 8.78 1.88 9.16
C ARG A 107 7.68 2.94 9.29
C ARG A 107 7.68 2.95 9.29
N ALA A 108 6.93 3.14 8.22
CA ALA A 108 5.82 4.08 8.20
C ALA A 108 4.66 3.65 9.09
N VAL A 109 4.26 2.38 9.03
CA VAL A 109 3.18 1.84 9.88
C VAL A 109 3.58 1.93 11.36
N ASN A 110 4.80 1.53 11.67
CA ASN A 110 5.30 1.61 13.00
C ASN A 110 5.28 3.07 13.56
N LEU A 111 5.67 4.05 12.76
CA LEU A 111 5.68 5.44 13.17
C LEU A 111 4.27 5.89 13.42
N LEU A 112 3.33 5.53 12.55
CA LEU A 112 1.93 5.90 12.80
C LEU A 112 1.42 5.37 14.13
N ARG A 113 1.67 4.10 14.45
CA ARG A 113 1.25 3.53 15.75
C ARG A 113 1.90 4.12 16.98
N GLN A 114 3.17 4.44 16.84
CA GLN A 114 3.91 5.10 17.85
C GLN A 114 3.36 6.47 18.15
N HIS A 115 2.84 7.17 17.13
CA HIS A 115 2.42 8.56 17.30
C HIS A 115 0.92 8.74 17.14
N ALA A 116 0.21 7.65 17.30
CA ALA A 116 -1.21 7.64 17.08
C ALA A 116 -1.93 8.65 17.94
N ALA A 117 -1.58 8.73 19.21
CA ALA A 117 -2.28 9.60 20.12
C ALA A 117 -2.18 11.07 19.69
N GLU A 118 -0.98 11.50 19.37
CA GLU A 118 -0.78 12.92 19.04
C GLU A 118 -1.25 13.31 17.62
N TRP A 119 -1.52 12.30 16.80
CA TRP A 119 -2.05 12.43 15.44
C TRP A 119 -3.50 12.00 15.25
N HIS A 120 -4.16 11.67 16.35
CA HIS A 120 -5.57 11.25 16.40
C HIS A 120 -5.89 10.10 15.53
N ILE A 121 -4.98 9.14 15.51
CA ILE A 121 -5.13 7.94 14.74
C ILE A 121 -5.59 6.81 15.66
N ASP A 122 -6.54 6.05 15.17
CA ASP A 122 -6.96 4.86 15.83
C ASP A 122 -5.89 3.85 15.41
N PRO A 123 -5.09 3.35 16.38
CA PRO A 123 -3.97 2.48 15.98
C PRO A 123 -4.42 1.10 15.49
N GLN A 124 -5.72 0.81 15.57
CA GLN A 124 -6.24 -0.45 15.02
C GLN A 124 -6.91 -0.28 13.68
N GLN A 125 -6.73 0.89 13.05
N GLN A 125 -6.75 0.91 13.08
CA GLN A 125 -7.33 1.12 11.75
CA GLN A 125 -7.35 1.24 11.79
C GLN A 125 -6.33 1.86 10.85
C GLN A 125 -6.32 1.89 10.86
N ILE A 126 -5.14 1.25 10.71
CA ILE A 126 -4.07 1.71 9.84
C ILE A 126 -4.05 0.80 8.60
N THR A 127 -4.31 1.41 7.42
CA THR A 127 -4.46 0.71 6.16
C THR A 127 -3.57 1.24 5.05
N PRO A 128 -2.55 0.46 4.68
CA PRO A 128 -1.78 0.76 3.48
C PRO A 128 -2.64 0.55 2.22
N ALA A 129 -2.57 1.51 1.28
CA ALA A 129 -3.26 1.51 0.00
C ALA A 129 -2.20 1.67 -1.09
N GLY A 130 -1.94 0.57 -1.80
CA GLY A 130 -0.91 0.51 -2.83
C GLY A 130 -1.46 0.58 -4.23
N PHE A 131 -0.80 1.39 -5.04
CA PHE A 131 -1.15 1.65 -6.44
C PHE A 131 -0.02 1.33 -7.43
N SER A 132 -0.35 0.68 -8.56
CA SER A 132 0.65 0.34 -9.56
C SER A 132 1.72 -0.49 -8.85
N VAL A 133 3.01 -0.18 -9.01
CA VAL A 133 4.04 -0.97 -8.34
C VAL A 133 3.88 -0.94 -6.81
N GLY A 134 3.38 0.15 -6.25
CA GLY A 134 3.08 0.18 -4.83
C GLY A 134 2.07 -0.92 -4.42
N GLY A 135 1.24 -1.41 -5.33
CA GLY A 135 0.31 -2.53 -5.03
C GLY A 135 1.08 -3.83 -4.79
N HIS A 136 2.20 -3.97 -5.47
CA HIS A 136 3.05 -5.11 -5.29
C HIS A 136 3.70 -5.02 -3.91
N ILE A 137 4.21 -3.84 -3.57
CA ILE A 137 4.81 -3.54 -2.29
C ILE A 137 3.84 -3.84 -1.16
N VAL A 138 2.60 -3.34 -1.29
CA VAL A 138 1.57 -3.58 -0.28
C VAL A 138 1.15 -5.07 -0.18
N ALA A 139 1.02 -5.74 -1.32
CA ALA A 139 0.68 -7.19 -1.35
C ALA A 139 1.75 -8.01 -0.57
N LEU A 140 3.00 -7.65 -0.76
CA LEU A 140 4.08 -8.31 -0.10
C LEU A 140 4.16 -7.90 1.37
N TYR A 141 3.80 -6.66 1.69
CA TYR A 141 3.73 -6.24 3.08
C TYR A 141 2.68 -7.11 3.83
N ASN A 142 1.54 -7.37 3.20
CA ASN A 142 0.50 -8.15 3.83
C ASN A 142 0.95 -9.57 4.11
N ASP A 143 1.89 -10.05 3.30
CA ASP A 143 2.46 -11.39 3.44
C ASP A 143 3.57 -11.51 4.47
N TYR A 144 4.36 -10.45 4.64
CA TYR A 144 5.58 -10.52 5.44
C TYR A 144 5.69 -9.60 6.65
N TRP A 145 4.65 -8.83 6.96
CA TRP A 145 4.71 -7.91 8.10
C TRP A 145 5.10 -8.56 9.43
N ALA A 146 4.52 -9.73 9.74
CA ALA A 146 4.73 -10.43 11.02
C ALA A 146 5.98 -11.26 11.05
N THR A 147 6.53 -11.51 9.88
CA THR A 147 7.73 -12.34 9.73
C THR A 147 8.93 -11.53 9.24
N ARG A 148 9.16 -11.49 7.93
CA ARG A 148 10.39 -10.86 7.41
C ARG A 148 10.53 -9.35 7.71
N VAL A 149 9.46 -8.57 7.66
CA VAL A 149 9.57 -7.13 7.98
C VAL A 149 9.92 -6.92 9.45
N ALA A 150 9.20 -7.62 10.35
CA ALA A 150 9.44 -7.55 11.79
C ALA A 150 10.89 -7.88 12.15
N THR A 151 11.40 -8.96 11.56
CA THR A 151 12.75 -9.40 11.87
C THR A 151 13.79 -8.49 11.20
N GLU A 152 13.55 -8.00 9.97
CA GLU A 152 14.51 -7.05 9.35
C GLU A 152 14.55 -5.70 10.08
N LEU A 153 13.39 -5.19 10.50
CA LEU A 153 13.36 -3.93 11.23
C LEU A 153 13.59 -4.11 12.72
N ASN A 154 13.54 -5.35 13.20
CA ASN A 154 13.64 -5.64 14.59
C ASN A 154 12.59 -4.85 15.34
N VAL A 155 11.35 -5.00 14.90
CA VAL A 155 10.18 -4.34 15.46
C VAL A 155 9.21 -5.47 15.75
N THR A 156 8.44 -5.33 16.83
N THR A 156 8.51 -5.39 16.88
CA THR A 156 7.49 -6.36 17.20
CA THR A 156 7.58 -6.44 17.26
C THR A 156 6.46 -6.46 16.11
C THR A 156 6.46 -6.48 16.22
N PRO A 157 6.05 -7.69 15.77
CA PRO A 157 5.05 -7.79 14.73
C PRO A 157 3.78 -6.95 14.89
N ALA A 158 3.27 -6.85 16.10
CA ALA A 158 2.03 -6.14 16.40
C ALA A 158 2.09 -4.68 15.95
N LEU A 160 3.66 -3.52 13.38
CA LEU A 160 3.69 -3.48 11.93
C LEU A 160 2.39 -3.96 11.27
N LYS A 161 1.42 -4.35 12.08
CA LYS A 161 0.21 -4.92 11.51
C LYS A 161 -0.54 -3.98 10.59
N PRO A 162 -0.82 -4.43 9.33
CA PRO A 162 -1.73 -3.63 8.52
C PRO A 162 -3.14 -4.08 8.88
N ASN A 163 -3.97 -3.18 9.33
CA ASN A 163 -5.29 -3.59 9.73
C ASN A 163 -6.15 -4.08 8.55
N ASN A 164 -6.03 -3.43 7.41
CA ASN A 164 -6.54 -3.96 6.15
C ASN A 164 -5.49 -3.54 5.14
N VAL A 165 -5.54 -4.08 3.92
CA VAL A 165 -4.74 -3.53 2.81
C VAL A 165 -5.69 -3.28 1.60
N VAL A 166 -5.35 -2.27 0.81
CA VAL A 166 -6.02 -1.91 -0.39
C VAL A 166 -4.99 -1.96 -1.50
N LEU A 167 -5.35 -2.58 -2.63
CA LEU A 167 -4.49 -2.68 -3.84
C LEU A 167 -5.29 -2.13 -5.02
N GLY A 168 -4.76 -1.10 -5.68
CA GLY A 168 -5.37 -0.44 -6.86
C GLY A 168 -4.43 -0.51 -8.05
N TYR A 169 -4.89 -1.14 -9.12
CA TYR A 169 -4.11 -1.39 -10.33
C TYR A 169 -2.71 -1.92 -10.02
N PRO A 170 -2.63 -3.02 -9.26
CA PRO A 170 -1.31 -3.49 -8.93
C PRO A 170 -0.51 -3.92 -10.15
N VAL A 171 0.78 -3.63 -10.15
CA VAL A 171 1.71 -3.95 -11.22
C VAL A 171 2.96 -4.57 -10.61
N ILE A 172 3.33 -5.75 -11.08
CA ILE A 172 4.57 -6.41 -10.66
C ILE A 172 5.74 -6.08 -11.57
N SER A 173 6.84 -5.63 -11.04
CA SER A 173 8.01 -5.31 -11.83
C SER A 173 9.11 -6.15 -11.22
N PRO A 174 10.09 -6.60 -12.03
CA PRO A 174 11.19 -7.35 -11.51
C PRO A 174 12.25 -6.48 -10.88
N LEU A 175 12.02 -5.17 -10.77
CA LEU A 175 13.02 -4.27 -10.16
C LEU A 175 13.08 -4.43 -8.64
N LEU A 176 11.94 -4.81 -8.08
CA LEU A 176 11.83 -5.10 -6.67
C LEU A 176 12.40 -6.53 -6.45
N GLY A 177 13.43 -6.65 -5.61
CA GLY A 177 14.07 -7.94 -5.28
C GLY A 177 15.59 -7.97 -5.50
N PHE A 178 16.19 -9.15 -5.27
CA PHE A 178 17.64 -9.39 -5.47
C PHE A 178 17.85 -10.36 -6.65
N THR A 187 20.84 -10.95 5.25
CA THR A 187 19.76 -11.01 6.23
C THR A 187 18.46 -11.54 5.60
N TRP A 188 18.03 -10.94 4.50
CA TRP A 188 16.79 -11.35 3.79
C TRP A 188 16.96 -11.00 2.31
N THR A 189 17.50 -11.97 1.54
CA THR A 189 17.85 -11.79 0.12
C THR A 189 17.07 -12.63 -0.93
N PRO A 190 15.74 -12.36 -1.13
CA PRO A 190 14.91 -13.09 -2.12
C PRO A 190 14.89 -12.45 -3.51
N THR A 191 15.12 -13.27 -4.54
CA THR A 191 15.14 -12.79 -5.93
C THR A 191 13.67 -12.64 -6.38
N PRO A 192 13.42 -11.94 -7.52
CA PRO A 192 12.03 -11.81 -8.05
C PRO A 192 11.19 -13.13 -8.16
N ASN A 193 11.83 -14.30 -8.25
CA ASN A 193 11.15 -15.62 -8.27
C ASN A 193 10.35 -15.88 -6.98
N GLU A 194 10.97 -15.63 -5.82
CA GLU A 194 10.33 -15.81 -4.51
C GLU A 194 9.69 -14.50 -3.98
N LEU A 195 9.18 -13.67 -4.90
CA LEU A 195 8.43 -12.43 -4.57
C LEU A 195 7.05 -12.43 -5.25
N ALA A 196 6.57 -13.64 -5.57
CA ALA A 196 5.22 -13.83 -6.07
C ALA A 196 4.37 -13.72 -4.78
N ALA A 197 3.74 -12.55 -4.57
CA ALA A 197 2.89 -12.29 -3.40
C ALA A 197 1.81 -13.40 -3.18
N ASP A 198 1.35 -13.98 -4.29
CA ASP A 198 0.34 -15.06 -4.27
C ASP A 198 0.89 -16.38 -3.78
N GLN A 199 2.22 -16.54 -3.75
CA GLN A 199 2.85 -17.79 -3.27
C GLN A 199 3.13 -17.79 -1.75
N HIS A 200 3.06 -16.60 -1.13
CA HIS A 200 3.40 -16.41 0.29
C HIS A 200 2.26 -15.81 1.15
N VAL A 201 1.02 -16.08 0.70
CA VAL A 201 -0.18 -15.75 1.44
C VAL A 201 -0.25 -16.77 2.59
N ASN A 202 -0.37 -16.25 3.81
CA ASN A 202 -0.38 -17.05 5.02
C ASN A 202 -1.49 -16.56 5.91
N SER A 203 -1.64 -17.15 7.09
CA SER A 203 -2.75 -16.81 8.00
C SER A 203 -2.64 -15.42 8.59
N ASP A 204 -1.44 -14.82 8.52
CA ASP A 204 -1.23 -13.45 9.00
C ASP A 204 -1.64 -12.39 7.97
N ASN A 205 -1.96 -12.81 6.74
CA ASN A 205 -2.47 -11.85 5.76
C ASN A 205 -3.79 -11.36 6.32
N GLN A 206 -3.94 -10.06 6.24
CA GLN A 206 -5.11 -9.32 6.69
C GLN A 206 -6.07 -9.05 5.54
N PRO A 207 -7.33 -8.65 5.85
CA PRO A 207 -8.35 -8.38 4.85
C PRO A 207 -7.86 -7.47 3.74
N THR A 208 -8.21 -7.82 2.50
CA THR A 208 -7.68 -7.17 1.32
C THR A 208 -8.75 -6.74 0.32
N PHE A 209 -8.70 -5.48 -0.07
CA PHE A 209 -9.59 -4.92 -1.07
C PHE A 209 -8.74 -4.68 -2.30
N ILE A 210 -9.13 -5.28 -3.42
CA ILE A 210 -8.40 -5.15 -4.65
C ILE A 210 -9.29 -4.69 -5.79
N TRP A 211 -8.76 -3.77 -6.59
CA TRP A 211 -9.38 -3.43 -7.87
C TRP A 211 -8.29 -3.21 -8.90
N THR A 212 -8.62 -3.61 -10.13
CA THR A 212 -7.69 -3.41 -11.25
C THR A 212 -8.48 -3.34 -12.55
N THR A 213 -7.76 -3.27 -13.66
CA THR A 213 -8.35 -3.21 -14.99
C THR A 213 -8.28 -4.58 -15.69
N ALA A 214 -9.36 -4.94 -16.41
CA ALA A 214 -9.45 -6.22 -17.10
C ALA A 214 -8.86 -6.17 -18.52
N ASP A 215 -8.81 -4.98 -19.12
CA ASP A 215 -8.57 -4.88 -20.55
C ASP A 215 -7.31 -4.12 -20.94
N ASP A 216 -6.27 -4.23 -20.15
CA ASP A 216 -4.98 -3.67 -20.57
C ASP A 216 -4.33 -4.82 -21.34
N PRO A 217 -4.25 -4.70 -22.68
CA PRO A 217 -3.68 -5.84 -23.41
C PRO A 217 -2.21 -6.16 -23.05
N ILE A 218 -1.49 -5.20 -22.46
CA ILE A 218 -0.07 -5.36 -22.11
C ILE A 218 0.08 -5.99 -20.74
N VAL A 219 -0.91 -5.79 -19.89
CA VAL A 219 -0.86 -6.30 -18.52
C VAL A 219 -2.22 -6.92 -18.17
N PRO A 220 -2.43 -8.20 -18.55
CA PRO A 220 -3.66 -8.83 -18.16
C PRO A 220 -3.81 -8.86 -16.63
N ALA A 221 -5.03 -9.01 -16.14
CA ALA A 221 -5.29 -9.06 -14.70
C ALA A 221 -5.02 -10.43 -14.08
N THR A 222 -4.48 -11.36 -14.83
CA THR A 222 -4.25 -12.74 -14.40
C THR A 222 -3.41 -12.84 -13.09
N ASN A 223 -2.37 -12.03 -12.91
CA ASN A 223 -1.62 -12.00 -11.66
C ASN A 223 -2.49 -11.66 -10.47
N THR A 224 -3.32 -10.63 -10.61
CA THR A 224 -4.21 -10.18 -9.56
C THR A 224 -5.28 -11.26 -9.23
N LEU A 225 -5.80 -11.91 -10.27
CA LEU A 225 -6.75 -12.98 -10.11
C LEU A 225 -6.10 -14.12 -9.33
N ALA A 226 -4.80 -14.35 -9.53
CA ALA A 226 -4.07 -15.41 -8.86
C ALA A 226 -3.90 -15.10 -7.40
N TYR A 227 -3.64 -13.84 -7.08
CA TYR A 227 -3.51 -13.42 -5.72
C TYR A 227 -4.85 -13.59 -5.00
N ALA A 228 -5.95 -13.19 -5.64
CA ALA A 228 -7.29 -13.29 -5.05
C ALA A 228 -7.61 -14.74 -4.76
N THR A 229 -7.24 -15.62 -5.68
CA THR A 229 -7.42 -17.06 -5.52
C THR A 229 -6.64 -17.59 -4.31
N ALA A 230 -5.45 -17.02 -4.05
CA ALA A 230 -4.63 -17.42 -2.92
C ALA A 230 -5.27 -16.91 -1.66
N LEU A 231 -5.75 -15.66 -1.70
CA LEU A 231 -6.45 -15.14 -0.53
C LEU A 231 -7.68 -16.04 -0.22
N ALA A 232 -8.49 -16.32 -1.24
CA ALA A 232 -9.70 -17.15 -1.10
C ALA A 232 -9.39 -18.54 -0.56
N THR A 233 -8.32 -19.15 -1.05
CA THR A 233 -7.89 -20.49 -0.59
C THR A 233 -7.40 -20.43 0.85
N ALA A 234 -6.69 -19.38 1.22
CA ALA A 234 -6.22 -19.23 2.60
C ALA A 234 -7.34 -18.70 3.54
N LYS A 235 -8.50 -18.43 2.99
CA LYS A 235 -9.67 -17.90 3.70
C LYS A 235 -9.40 -16.56 4.37
N ILE A 236 -8.61 -15.73 3.69
CA ILE A 236 -8.33 -14.36 4.11
C ILE A 236 -9.48 -13.54 3.52
N PRO A 237 -10.18 -12.72 4.33
CA PRO A 237 -11.27 -11.90 3.76
C PRO A 237 -10.83 -10.97 2.63
N TYR A 238 -11.61 -10.87 1.56
CA TYR A 238 -11.24 -10.03 0.44
C TYR A 238 -12.43 -9.53 -0.34
N GLU A 239 -12.18 -8.52 -1.13
CA GLU A 239 -13.10 -8.10 -2.14
C GLU A 239 -12.27 -7.79 -3.40
N LEU A 240 -12.74 -8.21 -4.56
CA LEU A 240 -12.05 -8.02 -5.81
C LEU A 240 -12.96 -7.39 -6.87
N HIS A 241 -12.47 -6.35 -7.54
CA HIS A 241 -13.17 -5.67 -8.63
C HIS A 241 -12.24 -5.50 -9.82
N VAL A 242 -12.49 -6.27 -10.88
CA VAL A 242 -11.73 -6.18 -12.14
C VAL A 242 -12.66 -5.45 -13.13
N PHE A 243 -12.38 -4.17 -13.34
CA PHE A 243 -13.19 -3.32 -14.19
C PHE A 243 -12.63 -3.23 -15.61
N LYS A 244 -13.49 -2.99 -16.59
CA LYS A 244 -13.02 -2.63 -17.90
C LYS A 244 -12.63 -1.11 -17.86
N HIS A 245 -11.41 -0.85 -17.44
CA HIS A 245 -10.88 0.51 -17.21
C HIS A 245 -9.73 0.97 -18.12
N GLY A 246 -9.38 0.13 -19.09
CA GLY A 246 -8.36 0.46 -20.06
C GLY A 246 -6.97 0.14 -19.57
N PRO A 247 -5.95 0.68 -20.25
CA PRO A 247 -4.55 0.49 -19.83
C PRO A 247 -4.31 0.95 -18.41
N HIS A 248 -3.41 0.27 -17.69
CA HIS A 248 -3.05 0.61 -16.30
C HIS A 248 -2.72 2.11 -16.12
N GLY A 249 -1.91 2.66 -17.00
CA GLY A 249 -1.51 4.08 -16.95
C GLY A 249 -2.67 5.07 -17.01
N LEU A 250 -3.57 4.91 -17.99
CA LEU A 250 -4.76 5.72 -18.11
C LEU A 250 -5.68 5.50 -16.88
N ALA A 251 -5.89 4.24 -16.50
CA ALA A 251 -6.73 3.84 -15.36
C ALA A 251 -6.29 4.53 -14.04
N LEU A 252 -5.00 4.51 -13.74
CA LEU A 252 -4.53 5.13 -12.53
C LEU A 252 -4.56 6.67 -12.66
N ALA A 253 -4.27 7.21 -13.86
CA ALA A 253 -4.38 8.64 -14.13
C ALA A 253 -5.81 9.10 -13.86
N ASN A 254 -6.79 8.34 -14.38
CA ASN A 254 -8.19 8.66 -14.13
C ASN A 254 -8.54 8.60 -12.64
N ALA A 255 -8.09 7.56 -11.92
CA ALA A 255 -8.31 7.40 -10.46
C ALA A 255 -7.85 8.64 -9.67
N GLN A 256 -6.67 9.13 -10.03
CA GLN A 256 -6.09 10.32 -9.43
C GLN A 256 -6.86 11.59 -9.81
N THR A 257 -7.00 11.76 -11.13
CA THR A 257 -7.57 12.95 -11.76
C THR A 257 -9.08 13.08 -11.69
N ALA A 258 -9.79 11.98 -11.51
CA ALA A 258 -11.24 11.97 -11.68
C ALA A 258 -12.05 11.14 -10.66
N TRP A 259 -11.68 11.25 -9.38
CA TRP A 259 -12.43 10.58 -8.30
C TRP A 259 -13.53 11.48 -7.69
N LYS A 260 -13.39 12.84 -7.78
CA LYS A 260 -14.32 13.85 -7.14
C LYS A 260 -15.66 14.10 -7.83
N VAL A 268 -18.59 10.42 -6.61
CA VAL A 268 -17.23 9.88 -6.64
C VAL A 268 -17.08 8.58 -7.50
N ALA A 269 -15.85 8.31 -7.96
CA ALA A 269 -15.54 7.12 -8.76
C ALA A 269 -15.97 5.83 -8.01
N HIS A 270 -16.48 4.82 -8.74
CA HIS A 270 -16.96 3.62 -8.07
C HIS A 270 -15.88 2.90 -7.29
N TRP A 271 -14.63 2.88 -7.76
CA TRP A 271 -13.60 2.20 -6.99
C TRP A 271 -13.49 2.80 -5.58
N LEU A 272 -13.65 4.12 -5.48
CA LEU A 272 -13.57 4.79 -4.19
C LEU A 272 -14.82 4.49 -3.36
N THR A 273 -16.00 4.64 -3.90
CA THR A 273 -17.21 4.28 -3.17
C THR A 273 -17.10 2.87 -2.61
N LEU A 274 -16.60 1.96 -3.43
CA LEU A 274 -16.51 0.55 -3.06
C LEU A 274 -15.47 0.30 -1.98
N ALA A 275 -14.31 0.92 -2.12
CA ALA A 275 -13.25 0.81 -1.11
C ALA A 275 -13.71 1.38 0.24
N LEU A 276 -14.35 2.53 0.21
CA LEU A 276 -14.79 3.17 1.44
C LEU A 276 -15.86 2.35 2.14
N GLU A 277 -16.79 1.80 1.38
CA GLU A 277 -17.84 0.97 1.96
C GLU A 277 -17.27 -0.30 2.59
N TRP A 278 -16.31 -0.92 1.92
CA TRP A 278 -15.66 -2.11 2.40
C TRP A 278 -14.88 -1.82 3.67
N LEU A 279 -14.14 -0.72 3.68
CA LEU A 279 -13.40 -0.32 4.86
C LEU A 279 -14.36 -0.07 6.06
N ALA A 280 -15.46 0.63 5.83
CA ALA A 280 -16.44 0.94 6.86
C ALA A 280 -17.14 -0.29 7.41
N ASP A 281 -17.49 -1.23 6.54
CA ASP A 281 -18.20 -2.43 6.94
C ASP A 281 -17.26 -3.41 7.66
N ASN A 282 -15.96 -3.21 7.55
CA ASN A 282 -14.98 -4.01 8.29
C ASN A 282 -14.58 -3.25 9.57
N ARG A 283 -15.57 -2.60 10.17
CA ARG A 283 -15.46 -1.83 11.41
C ARG A 283 -16.86 -1.86 12.04
#